data_7E52
#
_entry.id   7E52
#
_cell.length_a   90.100
_cell.length_b   60.110
_cell.length_c   73.750
_cell.angle_alpha   90.000
_cell.angle_beta   125.445
_cell.angle_gamma   90.000
#
_symmetry.space_group_name_H-M   'C 1 2 1'
#
loop_
_entity.id
_entity.type
_entity.pdbx_description
1 polymer 'Thioredoxin reductase'
2 water water
#
_entity_poly.entity_id   1
_entity_poly.type   'polypeptide(L)'
_entity_poly.pdbx_seq_one_letter_code
;MSARHSRLIILGSGPAGYSAAVYAARANLKPTLIAGLQLGGQLTTTTEVDNWPGDPEGLTGPALMDRMQAHAERFGTELV
YDHINEVDLNVRPFVLKGDMDEYTCDALIIATGATAQYLGLESEQKFMGQGVSACATCDGFFYKNQNVMVVGGGNTAVEE
ALYLSNIAEHVTLVHRRDSLRSEKILQDHLFAKEKEGKISIVWNHEVEEVLGDNTGVTGVRLKSTKDDSKQEVQVQGLFI
AIGHKPNTSIFEGQLNLRDGYIQVQSGTSGNATATSVAGVFAAGDVADSIYRQAITSAGSGCMAALDAEKYLDNLLEHHH
HHH
;
_entity_poly.pdbx_strand_id   A
#
# COMPACT_ATOMS: atom_id res chain seq x y z
N SER A 2 2.16 19.74 28.18
CA SER A 2 1.38 18.55 28.51
C SER A 2 0.81 17.89 27.25
N ALA A 3 0.54 16.59 27.35
CA ALA A 3 0.10 15.82 26.19
C ALA A 3 -1.35 16.14 25.84
N ARG A 4 -1.64 16.17 24.54
CA ARG A 4 -2.99 16.36 24.01
C ARG A 4 -3.72 15.02 24.01
N HIS A 5 -4.73 14.87 24.87
CA HIS A 5 -5.45 13.60 24.96
C HIS A 5 -6.68 13.60 24.05
N SER A 6 -6.92 12.46 23.40
CA SER A 6 -8.12 12.18 22.61
C SER A 6 -8.62 10.80 22.97
N ARG A 7 -9.93 10.60 22.96
CA ARG A 7 -10.42 9.24 23.16
C ARG A 7 -9.89 8.31 22.09
N LEU A 8 -10.02 8.70 20.81
CA LEU A 8 -9.55 7.89 19.68
C LEU A 8 -8.60 8.71 18.81
N ILE A 9 -7.46 8.11 18.44
CA ILE A 9 -6.51 8.65 17.47
C ILE A 9 -6.37 7.67 16.31
N ILE A 10 -6.45 8.18 15.08
CA ILE A 10 -6.19 7.41 13.88
C ILE A 10 -4.86 7.90 13.33
N LEU A 11 -3.94 6.99 13.06
CA LEU A 11 -2.59 7.36 12.64
C LEU A 11 -2.44 7.03 11.16
N GLY A 12 -2.34 8.08 10.34
CA GLY A 12 -2.17 7.86 8.91
C GLY A 12 -3.36 8.41 8.13
N SER A 13 -3.04 9.22 7.13
CA SER A 13 -4.01 9.61 6.12
C SER A 13 -3.88 8.65 4.94
N GLY A 14 -4.99 8.42 4.25
CA GLY A 14 -5.06 7.37 3.29
C GLY A 14 -6.47 6.82 3.28
N PRO A 15 -6.77 5.93 2.33
CA PRO A 15 -8.13 5.35 2.26
C PRO A 15 -8.57 4.76 3.60
N ALA A 16 -7.71 3.93 4.23
CA ALA A 16 -8.08 3.30 5.50
C ALA A 16 -8.28 4.35 6.60
N GLY A 17 -7.33 5.28 6.74
CA GLY A 17 -7.44 6.25 7.81
C GLY A 17 -8.64 7.16 7.66
N TYR A 18 -8.88 7.67 6.44
CA TYR A 18 -9.98 8.61 6.24
C TYR A 18 -11.33 7.91 6.37
N SER A 19 -11.40 6.65 5.91
CA SER A 19 -12.63 5.86 6.09
C SER A 19 -12.94 5.65 7.57
N ALA A 20 -11.93 5.26 8.36
CA ALA A 20 -12.15 5.12 9.80
C ALA A 20 -12.60 6.46 10.42
N ALA A 21 -12.03 7.59 9.97
CA ALA A 21 -12.42 8.90 10.48
C ALA A 21 -13.89 9.21 10.21
N VAL A 22 -14.35 8.96 8.99
CA VAL A 22 -15.74 9.26 8.64
C VAL A 22 -16.68 8.47 9.53
N TYR A 23 -16.42 7.17 9.70
CA TYR A 23 -17.28 6.34 10.54
C TYR A 23 -17.15 6.69 12.02
N ALA A 24 -15.93 6.92 12.54
CA ALA A 24 -15.81 7.30 13.94
C ALA A 24 -16.47 8.66 14.20
N ALA A 25 -16.35 9.61 13.26
CA ALA A 25 -16.97 10.93 13.46
C ALA A 25 -18.48 10.85 13.42
N ARG A 26 -19.02 10.09 12.46
CA ARG A 26 -20.47 9.95 12.45
C ARG A 26 -21.01 9.10 13.58
N ALA A 27 -20.14 8.43 14.35
CA ALA A 27 -20.55 7.74 15.57
C ALA A 27 -20.50 8.64 16.79
N ASN A 28 -20.09 9.91 16.62
CA ASN A 28 -20.01 10.93 17.66
C ASN A 28 -18.82 10.70 18.58
N LEU A 29 -17.71 10.23 18.01
CA LEU A 29 -16.51 9.94 18.79
C LEU A 29 -15.50 11.08 18.78
N LYS A 30 -15.67 12.05 17.88
CA LYS A 30 -14.75 13.17 17.68
C LYS A 30 -13.32 12.65 17.57
N PRO A 31 -13.00 11.92 16.52
CA PRO A 31 -11.64 11.35 16.41
C PRO A 31 -10.62 12.40 16.03
N THR A 32 -9.38 12.15 16.45
CA THR A 32 -8.22 12.91 15.99
C THR A 32 -7.46 12.05 14.98
N LEU A 33 -7.12 12.64 13.84
CA LEU A 33 -6.35 11.91 12.83
C LEU A 33 -5.02 12.63 12.63
N ILE A 34 -3.92 11.88 12.80
CA ILE A 34 -2.57 12.41 12.64
C ILE A 34 -2.07 12.02 11.26
N ALA A 35 -1.85 13.02 10.41
CA ALA A 35 -1.69 12.80 8.97
C ALA A 35 -0.24 12.77 8.50
N GLY A 36 0.62 13.65 9.02
CA GLY A 36 2.00 13.68 8.56
C GLY A 36 2.19 14.09 7.12
N GLN A 42 0.33 5.33 -1.68
CA GLN A 42 0.24 4.33 -2.74
C GLN A 42 -0.88 4.69 -3.71
N LEU A 43 -1.89 5.38 -3.19
CA LEU A 43 -2.97 5.91 -4.02
C LEU A 43 -2.67 7.33 -4.50
N THR A 44 -1.94 8.12 -3.71
CA THR A 44 -1.63 9.49 -4.07
C THR A 44 -0.48 9.61 -5.08
N THR A 45 0.03 8.49 -5.59
CA THR A 45 1.00 8.49 -6.68
C THR A 45 0.42 7.97 -7.99
N THR A 46 -0.73 7.30 -7.95
CA THR A 46 -1.41 6.81 -9.16
C THR A 46 -2.07 7.99 -9.86
N THR A 47 -1.75 8.19 -11.14
CA THR A 47 -2.25 9.34 -11.87
C THR A 47 -3.73 9.17 -12.23
N GLU A 48 -4.08 8.08 -12.91
CA GLU A 48 -5.45 7.78 -13.28
C GLU A 48 -5.93 6.59 -12.45
N VAL A 49 -6.97 6.80 -11.63
CA VAL A 49 -7.54 5.74 -10.79
C VAL A 49 -8.84 5.28 -11.45
N ASP A 50 -8.84 4.03 -11.94
CA ASP A 50 -9.95 3.49 -12.72
C ASP A 50 -10.68 2.35 -12.03
N ASN A 51 -10.35 2.03 -10.76
CA ASN A 51 -11.01 0.92 -10.08
C ASN A 51 -11.54 1.29 -8.69
N TRP A 52 -11.79 2.58 -8.43
CA TRP A 52 -12.54 3.03 -7.24
C TRP A 52 -14.01 2.89 -7.61
N PRO A 53 -14.71 1.86 -7.11
CA PRO A 53 -16.07 1.55 -7.61
C PRO A 53 -17.03 2.73 -7.47
N GLY A 54 -17.62 3.14 -8.60
CA GLY A 54 -18.53 4.27 -8.58
C GLY A 54 -17.95 5.54 -9.15
N ASP A 55 -16.72 5.50 -9.62
CA ASP A 55 -16.08 6.63 -10.30
C ASP A 55 -15.60 6.09 -11.66
N PRO A 56 -16.51 5.97 -12.62
CA PRO A 56 -16.15 5.30 -13.89
C PRO A 56 -15.11 6.03 -14.73
N GLU A 57 -15.06 7.36 -14.72
CA GLU A 57 -14.02 8.01 -15.50
C GLU A 57 -13.60 9.33 -14.86
N GLY A 58 -12.38 9.73 -15.18
CA GLY A 58 -11.84 11.02 -14.78
C GLY A 58 -11.17 11.09 -13.42
N LEU A 59 -11.15 10.02 -12.63
CA LEU A 59 -10.64 10.14 -11.27
C LEU A 59 -9.11 10.06 -11.24
N THR A 60 -8.50 10.90 -10.38
CA THR A 60 -7.07 10.88 -10.09
C THR A 60 -6.84 10.61 -8.60
N GLY A 61 -5.65 10.11 -8.28
CA GLY A 61 -5.27 9.79 -6.92
C GLY A 61 -5.42 10.95 -5.94
N PRO A 62 -4.77 12.08 -6.27
CA PRO A 62 -4.92 13.27 -5.41
C PRO A 62 -6.34 13.75 -5.26
N ALA A 63 -7.15 13.66 -6.32
CA ALA A 63 -8.54 14.12 -6.24
C ALA A 63 -9.34 13.28 -5.27
N LEU A 64 -9.07 11.97 -5.25
CA LEU A 64 -9.80 11.08 -4.34
C LEU A 64 -9.39 11.34 -2.89
N MET A 65 -8.10 11.61 -2.67
CA MET A 65 -7.66 11.93 -1.31
C MET A 65 -8.25 13.24 -0.83
N ASP A 66 -8.37 14.24 -1.71
CA ASP A 66 -8.98 15.51 -1.30
C ASP A 66 -10.44 15.32 -0.89
N ARG A 67 -11.16 14.47 -1.63
CA ARG A 67 -12.55 14.19 -1.29
C ARG A 67 -12.65 13.44 0.04
N MET A 68 -11.81 12.41 0.22
CA MET A 68 -11.83 11.69 1.50
C MET A 68 -11.47 12.60 2.66
N GLN A 69 -10.45 13.44 2.49
CA GLN A 69 -10.11 14.41 3.53
C GLN A 69 -11.28 15.33 3.85
N ALA A 70 -11.93 15.89 2.81
CA ALA A 70 -13.06 16.78 3.07
C ALA A 70 -14.18 16.05 3.80
N HIS A 71 -14.40 14.78 3.46
CA HIS A 71 -15.42 13.96 4.11
C HIS A 71 -15.13 13.78 5.61
N ALA A 72 -13.90 13.40 5.96
CA ALA A 72 -13.55 13.25 7.38
C ALA A 72 -13.75 14.55 8.15
N GLU A 73 -13.34 15.67 7.55
CA GLU A 73 -13.47 16.97 8.23
C GLU A 73 -14.93 17.42 8.35
N ARG A 74 -15.78 17.08 7.38
CA ARG A 74 -17.17 17.55 7.39
C ARG A 74 -17.89 17.15 8.67
N PHE A 75 -17.66 15.93 9.16
CA PHE A 75 -18.36 15.44 10.33
C PHE A 75 -17.54 15.57 11.61
N GLY A 76 -16.50 16.38 11.59
CA GLY A 76 -15.83 16.80 12.81
C GLY A 76 -14.54 16.09 13.19
N THR A 77 -13.83 15.48 12.24
CA THR A 77 -12.52 14.96 12.58
C THR A 77 -11.54 16.11 12.79
N GLU A 78 -10.73 16.03 13.86
CA GLU A 78 -9.64 16.97 14.07
C GLU A 78 -8.41 16.43 13.36
N LEU A 79 -7.94 17.16 12.35
CA LEU A 79 -6.75 16.73 11.61
C LEU A 79 -5.53 17.41 12.20
N VAL A 80 -4.45 16.64 12.32
CA VAL A 80 -3.20 17.14 12.92
C VAL A 80 -2.07 16.76 11.97
N TYR A 81 -1.21 17.73 11.67
CA TYR A 81 -0.10 17.49 10.74
C TYR A 81 1.18 17.40 11.57
N ASP A 82 1.60 16.17 11.85
CA ASP A 82 2.78 15.90 12.67
C ASP A 82 3.32 14.53 12.26
N HIS A 83 4.59 14.31 12.57
CA HIS A 83 5.26 13.04 12.31
C HIS A 83 5.56 12.37 13.65
N ILE A 84 5.14 11.12 13.80
CA ILE A 84 5.35 10.38 15.05
C ILE A 84 6.64 9.57 14.96
N ASN A 85 7.62 9.89 15.81
CA ASN A 85 8.86 9.13 15.77
C ASN A 85 8.93 8.01 16.82
N GLU A 86 7.99 7.94 17.76
CA GLU A 86 8.03 6.91 18.80
C GLU A 86 6.65 6.75 19.43
N VAL A 87 6.31 5.51 19.82
CA VAL A 87 5.08 5.23 20.57
C VAL A 87 5.40 4.39 21.81
N ASP A 88 4.52 4.48 22.81
CA ASP A 88 4.59 3.60 23.99
C ASP A 88 3.21 2.96 24.09
N LEU A 89 3.11 1.70 23.68
CA LEU A 89 1.86 0.97 23.83
C LEU A 89 1.80 0.13 25.10
N ASN A 90 2.82 0.22 25.97
CA ASN A 90 2.87 -0.55 27.21
C ASN A 90 2.07 0.08 28.34
N VAL A 91 1.65 1.33 28.18
CA VAL A 91 0.88 2.04 29.19
C VAL A 91 -0.36 2.60 28.52
N ARG A 92 -1.37 2.87 29.33
CA ARG A 92 -2.62 3.42 28.86
C ARG A 92 -2.91 4.69 29.66
N PRO A 93 -3.32 5.79 29.03
CA PRO A 93 -3.55 5.93 27.57
C PRO A 93 -2.24 5.82 26.80
N PHE A 94 -2.29 5.25 25.60
CA PHE A 94 -1.10 5.05 24.78
C PHE A 94 -0.48 6.39 24.42
N VAL A 95 0.85 6.43 24.33
CA VAL A 95 1.58 7.68 24.09
C VAL A 95 2.14 7.71 22.67
N LEU A 96 1.92 8.82 21.96
CA LEU A 96 2.51 9.07 20.65
C LEU A 96 3.38 10.31 20.75
N LYS A 97 4.66 10.16 20.46
CA LYS A 97 5.62 11.27 20.57
C LYS A 97 5.87 11.83 19.18
N GLY A 98 5.50 13.10 18.97
CA GLY A 98 5.66 13.74 17.69
C GLY A 98 6.72 14.83 17.76
N ASP A 99 7.05 15.37 16.58
CA ASP A 99 7.99 16.49 16.51
C ASP A 99 7.41 17.75 17.14
N MET A 100 6.10 17.93 17.03
CA MET A 100 5.44 19.16 17.46
C MET A 100 4.75 19.03 18.82
N ASP A 101 4.27 17.85 19.16
CA ASP A 101 3.49 17.66 20.37
C ASP A 101 3.57 16.19 20.77
N GLU A 102 3.15 15.90 22.00
CA GLU A 102 2.89 14.54 22.44
C GLU A 102 1.38 14.33 22.48
N TYR A 103 0.94 13.14 22.07
CA TYR A 103 -0.48 12.82 22.07
C TYR A 103 -0.71 11.53 22.87
N THR A 104 -1.87 11.45 23.54
CA THR A 104 -2.28 10.20 24.16
C THR A 104 -3.70 9.85 23.73
N CYS A 105 -4.04 8.56 23.83
CA CYS A 105 -5.37 8.15 23.40
C CYS A 105 -5.79 6.89 24.14
N ASP A 106 -7.10 6.67 24.19
CA ASP A 106 -7.64 5.48 24.84
C ASP A 106 -7.77 4.32 23.87
N ALA A 107 -7.98 4.59 22.58
CA ALA A 107 -7.90 3.57 21.55
C ALA A 107 -7.11 4.15 20.39
N LEU A 108 -6.38 3.28 19.69
CA LEU A 108 -5.54 3.66 18.56
C LEU A 108 -5.87 2.81 17.33
N ILE A 109 -6.11 3.49 16.19
CA ILE A 109 -6.25 2.84 14.89
C ILE A 109 -5.00 3.17 14.07
N ILE A 110 -4.24 2.14 13.70
CA ILE A 110 -3.02 2.28 12.92
C ILE A 110 -3.34 2.01 11.45
N ALA A 111 -3.16 3.04 10.61
CA ALA A 111 -3.46 3.00 9.17
C ALA A 111 -2.34 3.69 8.39
N THR A 112 -1.09 3.32 8.70
CA THR A 112 0.09 3.98 8.17
C THR A 112 0.52 3.46 6.81
N GLY A 113 -0.19 2.46 6.24
CA GLY A 113 0.05 2.08 4.87
C GLY A 113 1.33 1.29 4.67
N ALA A 114 1.77 1.27 3.41
CA ALA A 114 3.02 0.61 3.04
C ALA A 114 3.69 1.44 1.95
N THR A 115 4.98 1.16 1.73
CA THR A 115 5.80 1.96 0.82
C THR A 115 6.37 1.06 -0.26
N ALA A 116 6.09 1.38 -1.51
CA ALA A 116 6.64 0.62 -2.62
C ALA A 116 8.03 1.14 -2.92
N GLN A 117 8.94 0.23 -3.23
CA GLN A 117 10.32 0.61 -3.55
C GLN A 117 10.51 0.68 -5.05
N TYR A 118 11.28 1.67 -5.48
CA TYR A 118 11.48 1.99 -6.89
C TYR A 118 12.95 1.82 -7.27
N LEU A 119 13.23 1.97 -8.57
CA LEU A 119 14.61 1.86 -9.04
C LEU A 119 15.45 3.04 -8.56
N GLY A 120 14.87 4.23 -8.52
CA GLY A 120 15.63 5.42 -8.24
C GLY A 120 16.34 5.97 -9.47
N LEU A 121 15.68 5.94 -10.63
CA LEU A 121 16.27 6.35 -11.90
C LEU A 121 15.51 7.57 -12.44
N GLU A 122 16.26 8.54 -12.97
CA GLU A 122 15.61 9.75 -13.50
C GLU A 122 14.69 9.40 -14.66
N SER A 123 15.12 8.50 -15.54
CA SER A 123 14.24 7.99 -16.60
C SER A 123 12.98 7.36 -16.01
N GLU A 124 13.10 6.67 -14.89
CA GLU A 124 11.95 6.08 -14.22
C GLU A 124 11.04 7.18 -13.67
N GLN A 125 11.61 8.20 -13.03
CA GLN A 125 10.80 9.30 -12.52
C GLN A 125 10.23 10.12 -13.66
N LYS A 126 11.03 10.36 -14.70
CA LYS A 126 10.55 11.10 -15.86
C LYS A 126 9.26 10.51 -16.41
N PHE A 127 9.20 9.17 -16.53
CA PHE A 127 8.06 8.51 -17.14
C PHE A 127 7.07 7.98 -16.13
N MET A 128 7.32 8.18 -14.83
CA MET A 128 6.34 7.86 -13.81
C MET A 128 4.98 8.44 -14.19
N GLY A 129 3.99 7.57 -14.32
CA GLY A 129 2.66 7.98 -14.70
C GLY A 129 2.40 8.03 -16.18
N GLN A 130 3.45 7.98 -17.00
CA GLN A 130 3.34 7.93 -18.45
C GLN A 130 3.78 6.58 -19.01
N GLY A 131 3.50 5.51 -18.27
CA GLY A 131 3.91 4.18 -18.68
C GLY A 131 4.77 3.44 -17.68
N VAL A 132 5.25 4.12 -16.63
CA VAL A 132 5.94 3.48 -15.51
C VAL A 132 4.97 3.40 -14.34
N SER A 133 4.84 2.22 -13.75
CA SER A 133 3.88 2.04 -12.66
C SER A 133 4.45 1.06 -11.64
N ALA A 134 3.90 1.13 -10.42
CA ALA A 134 4.24 0.15 -9.40
C ALA A 134 3.06 -0.75 -9.05
N CYS A 135 1.97 -0.68 -9.81
CA CYS A 135 0.75 -1.43 -9.44
C CYS A 135 0.12 -2.04 -10.69
N ALA A 136 0.30 -3.36 -10.88
CA ALA A 136 -0.30 -4.04 -12.03
C ALA A 136 -1.82 -4.02 -11.94
N THR A 137 -2.36 -4.21 -10.74
CA THR A 137 -3.82 -4.21 -10.59
C THR A 137 -4.41 -2.86 -10.98
N CYS A 138 -3.73 -1.78 -10.64
CA CYS A 138 -4.23 -0.43 -10.95
C CYS A 138 -4.18 -0.14 -12.45
N ASP A 139 -3.05 -0.45 -13.10
CA ASP A 139 -2.75 0.06 -14.44
C ASP A 139 -2.68 -1.00 -15.54
N GLY A 140 -2.87 -2.27 -15.21
CA GLY A 140 -2.59 -3.31 -16.18
C GLY A 140 -3.52 -3.26 -17.38
N PHE A 141 -4.80 -2.93 -17.14
CA PHE A 141 -5.79 -2.98 -18.21
C PHE A 141 -5.43 -2.04 -19.34
N PHE A 142 -4.67 -0.98 -19.05
CA PHE A 142 -4.23 -0.04 -20.09
C PHE A 142 -3.52 -0.75 -21.24
N TYR A 143 -2.83 -1.86 -20.94
CA TYR A 143 -1.91 -2.50 -21.88
C TYR A 143 -2.45 -3.83 -22.42
N LYS A 144 -3.78 -3.99 -22.43
CA LYS A 144 -4.38 -5.15 -23.08
C LYS A 144 -3.87 -5.31 -24.51
N ASN A 145 -3.49 -6.54 -24.85
CA ASN A 145 -2.97 -6.92 -26.18
C ASN A 145 -1.70 -6.15 -26.55
N GLN A 146 -0.95 -5.66 -25.57
CA GLN A 146 0.32 -4.96 -25.77
C GLN A 146 1.41 -5.65 -24.96
N ASN A 147 2.64 -5.14 -25.08
CA ASN A 147 3.80 -5.78 -24.47
C ASN A 147 4.26 -5.01 -23.23
N VAL A 148 4.53 -5.74 -22.14
CA VAL A 148 4.90 -5.12 -20.87
C VAL A 148 6.11 -5.83 -20.26
N MET A 149 6.73 -5.15 -19.29
CA MET A 149 7.86 -5.66 -18.52
C MET A 149 7.59 -5.51 -17.02
N VAL A 150 8.03 -6.51 -16.24
CA VAL A 150 7.95 -6.50 -14.78
C VAL A 150 9.36 -6.67 -14.24
N VAL A 151 9.76 -5.79 -13.31
CA VAL A 151 11.11 -5.82 -12.72
C VAL A 151 11.01 -6.27 -11.27
N GLY A 152 11.69 -7.35 -10.94
CA GLY A 152 11.79 -7.78 -9.55
C GLY A 152 11.90 -9.29 -9.45
N GLY A 153 12.08 -9.76 -8.21
CA GLY A 153 12.38 -11.17 -8.01
C GLY A 153 11.70 -11.93 -6.89
N GLY A 154 10.81 -11.28 -6.15
CA GLY A 154 10.12 -11.92 -5.05
C GLY A 154 8.69 -12.30 -5.40
N ASN A 155 7.89 -12.52 -4.36
CA ASN A 155 6.49 -12.89 -4.57
C ASN A 155 5.75 -11.82 -5.37
N THR A 156 6.00 -10.55 -5.05
CA THR A 156 5.25 -9.46 -5.68
C THR A 156 5.47 -9.44 -7.19
N ALA A 157 6.73 -9.49 -7.61
CA ALA A 157 7.04 -9.49 -9.04
C ALA A 157 6.40 -10.67 -9.75
N VAL A 158 6.46 -11.86 -9.16
CA VAL A 158 5.90 -13.03 -9.82
C VAL A 158 4.38 -12.92 -9.95
N GLU A 159 3.71 -12.45 -8.89
CA GLU A 159 2.26 -12.34 -8.95
C GLU A 159 1.83 -11.27 -9.95
N GLU A 160 2.58 -10.17 -10.05
CA GLU A 160 2.24 -9.14 -11.03
C GLU A 160 2.43 -9.64 -12.45
N ALA A 161 3.50 -10.39 -12.73
CA ALA A 161 3.67 -10.94 -14.06
C ALA A 161 2.57 -11.94 -14.39
N LEU A 162 2.15 -12.74 -13.40
CA LEU A 162 1.03 -13.66 -13.62
C LEU A 162 -0.26 -12.90 -13.93
N TYR A 163 -0.62 -11.93 -13.08
CA TYR A 163 -1.80 -11.10 -13.35
C TYR A 163 -1.76 -10.55 -14.77
N LEU A 164 -0.65 -9.92 -15.14
CA LEU A 164 -0.56 -9.22 -16.42
C LEU A 164 -0.58 -10.19 -17.59
N SER A 165 -0.23 -11.46 -17.37
CA SER A 165 -0.17 -12.41 -18.46
C SER A 165 -1.53 -12.77 -19.03
N ASN A 166 -2.64 -12.42 -18.37
CA ASN A 166 -3.98 -12.58 -18.93
C ASN A 166 -4.48 -11.34 -19.65
N ILE A 167 -3.71 -10.25 -19.64
CA ILE A 167 -4.13 -8.98 -20.21
C ILE A 167 -3.23 -8.64 -21.39
N ALA A 168 -1.94 -8.57 -21.11
CA ALA A 168 -0.93 -8.18 -22.10
C ALA A 168 -0.76 -9.27 -23.17
N GLU A 169 -0.27 -8.86 -24.34
CA GLU A 169 0.13 -9.84 -25.34
C GLU A 169 1.35 -10.64 -24.89
N HIS A 170 2.30 -9.99 -24.21
CA HIS A 170 3.50 -10.67 -23.73
C HIS A 170 4.06 -9.94 -22.51
N VAL A 171 4.60 -10.70 -21.55
CA VAL A 171 5.22 -10.14 -20.35
C VAL A 171 6.69 -10.55 -20.33
N THR A 172 7.57 -9.59 -20.08
CA THR A 172 9.00 -9.83 -19.84
C THR A 172 9.32 -9.54 -18.38
N LEU A 173 9.69 -10.58 -17.63
CA LEU A 173 10.07 -10.45 -16.22
C LEU A 173 11.58 -10.36 -16.14
N VAL A 174 12.08 -9.31 -15.48
CA VAL A 174 13.53 -9.03 -15.42
C VAL A 174 13.98 -9.08 -13.96
N HIS A 175 15.09 -9.76 -13.69
CA HIS A 175 15.64 -9.87 -12.35
C HIS A 175 17.16 -9.81 -12.38
N ARG A 176 17.74 -9.24 -11.31
CA ARG A 176 19.18 -9.03 -11.22
C ARG A 176 19.96 -10.27 -10.80
N ARG A 177 19.33 -11.20 -10.08
CA ARG A 177 19.96 -12.48 -9.76
C ARG A 177 19.51 -13.52 -10.78
N ASP A 178 19.97 -14.76 -10.62
CA ASP A 178 19.60 -15.83 -11.54
C ASP A 178 18.71 -16.89 -10.89
N SER A 179 17.97 -16.50 -9.85
CA SER A 179 16.97 -17.36 -9.22
C SER A 179 15.97 -16.45 -8.53
N LEU A 180 14.77 -16.98 -8.32
CA LEU A 180 13.71 -16.23 -7.67
C LEU A 180 13.62 -16.57 -6.19
N ARG A 181 13.34 -15.55 -5.38
CA ARG A 181 13.12 -15.71 -3.93
C ARG A 181 11.65 -15.87 -3.59
N SER A 182 10.84 -16.33 -4.54
CA SER A 182 9.39 -16.41 -4.36
C SER A 182 8.95 -17.85 -4.12
N GLU A 183 7.70 -17.99 -3.70
CA GLU A 183 7.16 -19.26 -3.27
C GLU A 183 7.06 -20.26 -4.42
N LYS A 184 7.11 -21.55 -4.08
CA LYS A 184 7.28 -22.59 -5.10
C LYS A 184 6.03 -22.76 -5.97
N ILE A 185 4.84 -22.56 -5.41
CA ILE A 185 3.63 -22.67 -6.23
C ILE A 185 3.62 -21.55 -7.27
N LEU A 186 3.99 -20.33 -6.86
CA LEU A 186 4.04 -19.20 -7.78
C LEU A 186 5.08 -19.44 -8.88
N GLN A 187 6.22 -20.02 -8.51
CA GLN A 187 7.25 -20.33 -9.50
C GLN A 187 6.73 -21.32 -10.54
N ASP A 188 6.05 -22.38 -10.09
CA ASP A 188 5.53 -23.37 -11.03
C ASP A 188 4.56 -22.74 -12.04
N HIS A 189 3.67 -21.87 -11.57
CA HIS A 189 2.75 -21.18 -12.48
C HIS A 189 3.53 -20.36 -13.51
N LEU A 190 4.56 -19.64 -13.06
CA LEU A 190 5.33 -18.79 -13.94
C LEU A 190 6.01 -19.59 -15.04
N PHE A 191 6.65 -20.71 -14.66
CA PHE A 191 7.38 -21.49 -15.65
C PHE A 191 6.44 -22.18 -16.63
N ALA A 192 5.20 -22.45 -16.20
CA ALA A 192 4.21 -22.95 -17.14
C ALA A 192 3.91 -21.93 -18.22
N LYS A 193 3.64 -20.68 -17.81
CA LYS A 193 3.37 -19.61 -18.77
C LYS A 193 4.57 -19.34 -19.67
N GLU A 194 5.80 -19.48 -19.15
CA GLU A 194 6.96 -19.29 -20.00
C GLU A 194 7.02 -20.36 -21.09
N LYS A 195 6.73 -21.61 -20.75
CA LYS A 195 6.76 -22.68 -21.74
C LYS A 195 5.77 -22.40 -22.88
N GLU A 196 4.64 -21.77 -22.59
CA GLU A 196 3.66 -21.49 -23.62
C GLU A 196 3.94 -20.19 -24.38
N GLY A 197 5.04 -19.50 -24.07
CA GLY A 197 5.41 -18.30 -24.81
C GLY A 197 4.75 -17.03 -24.33
N LYS A 198 4.01 -17.07 -23.21
CA LYS A 198 3.34 -15.87 -22.73
C LYS A 198 4.27 -14.99 -21.89
N ILE A 199 5.25 -15.58 -21.21
CA ILE A 199 6.20 -14.84 -20.41
C ILE A 199 7.61 -15.22 -20.83
N SER A 200 8.49 -14.22 -20.88
CA SER A 200 9.93 -14.40 -21.01
C SER A 200 10.60 -13.95 -19.72
N ILE A 201 11.67 -14.62 -19.34
CA ILE A 201 12.42 -14.27 -18.14
C ILE A 201 13.84 -13.94 -18.54
N VAL A 202 14.31 -12.77 -18.11
CA VAL A 202 15.68 -12.32 -18.38
C VAL A 202 16.39 -12.25 -17.02
N TRP A 203 17.33 -13.17 -16.82
CA TRP A 203 18.07 -13.27 -15.57
C TRP A 203 19.32 -12.38 -15.60
N ASN A 204 19.81 -12.05 -14.42
CA ASN A 204 21.07 -11.31 -14.24
C ASN A 204 21.10 -10.01 -15.06
N HIS A 205 20.06 -9.18 -14.88
CA HIS A 205 20.01 -7.92 -15.60
C HIS A 205 19.32 -6.90 -14.70
N GLU A 206 19.62 -5.63 -14.95
CA GLU A 206 18.96 -4.54 -14.24
C GLU A 206 18.65 -3.44 -15.24
N VAL A 207 17.68 -2.60 -14.88
CA VAL A 207 17.24 -1.55 -15.79
C VAL A 207 18.27 -0.43 -15.79
N GLU A 208 18.72 -0.04 -16.98
CA GLU A 208 19.68 1.05 -17.12
C GLU A 208 19.05 2.37 -17.54
N GLU A 209 18.01 2.32 -18.36
CA GLU A 209 17.35 3.55 -18.80
C GLU A 209 15.96 3.21 -19.34
N VAL A 210 14.98 4.04 -18.98
CA VAL A 210 13.62 3.93 -19.48
C VAL A 210 13.47 4.84 -20.69
N LEU A 211 12.94 4.30 -21.79
CA LEU A 211 12.96 4.96 -23.08
C LEU A 211 11.54 5.28 -23.54
N GLY A 212 11.37 6.44 -24.16
CA GLY A 212 10.08 6.81 -24.69
C GLY A 212 10.09 8.24 -25.19
N ASP A 213 8.89 8.76 -25.45
CA ASP A 213 8.70 10.13 -25.95
C ASP A 213 7.37 10.71 -25.49
N ASN A 214 6.67 11.38 -26.41
CA ASN A 214 5.36 11.94 -26.10
C ASN A 214 4.28 10.87 -25.98
N THR A 215 4.49 9.69 -26.58
CA THR A 215 3.63 8.54 -26.33
C THR A 215 3.74 8.04 -24.89
N GLY A 216 4.82 8.39 -24.21
CA GLY A 216 5.16 7.77 -22.94
C GLY A 216 6.26 6.77 -23.14
N VAL A 217 6.20 5.64 -22.43
CA VAL A 217 7.24 4.62 -22.53
C VAL A 217 7.15 3.93 -23.89
N THR A 218 8.31 3.66 -24.49
CA THR A 218 8.41 2.82 -25.68
C THR A 218 9.41 1.68 -25.55
N GLY A 219 10.31 1.72 -24.59
CA GLY A 219 11.31 0.67 -24.44
C GLY A 219 12.02 0.79 -23.12
N VAL A 220 12.88 -0.20 -22.87
CA VAL A 220 13.75 -0.22 -21.70
C VAL A 220 15.10 -0.79 -22.12
N ARG A 221 16.18 -0.12 -21.75
CA ARG A 221 17.52 -0.67 -21.96
C ARG A 221 17.96 -1.36 -20.68
N LEU A 222 18.28 -2.66 -20.80
CA LEU A 222 18.83 -3.45 -19.70
C LEU A 222 20.34 -3.57 -19.84
N LYS A 223 20.98 -3.67 -18.68
CA LYS A 223 22.41 -3.97 -18.58
C LYS A 223 22.56 -5.24 -17.76
N SER A 224 23.41 -6.16 -18.24
CA SER A 224 23.70 -7.38 -17.51
C SER A 224 24.48 -7.09 -16.22
N THR A 225 24.22 -7.88 -15.19
CA THR A 225 24.93 -7.78 -13.93
C THR A 225 26.14 -8.73 -13.86
N LYS A 226 26.50 -9.38 -14.98
CA LYS A 226 27.61 -10.31 -15.00
C LYS A 226 28.66 -10.01 -16.07
N ASP A 227 28.40 -9.07 -16.97
CA ASP A 227 29.40 -8.60 -17.93
C ASP A 227 29.01 -7.19 -18.34
N ASP A 228 29.47 -6.75 -19.52
CA ASP A 228 29.25 -5.38 -19.96
C ASP A 228 28.13 -5.25 -21.00
N SER A 229 27.43 -6.33 -21.32
CA SER A 229 26.49 -6.31 -22.43
C SER A 229 25.18 -5.63 -22.05
N LYS A 230 24.48 -5.14 -23.07
CA LYS A 230 23.22 -4.42 -22.91
C LYS A 230 22.21 -4.98 -23.91
N GLN A 231 20.93 -4.68 -23.67
CA GLN A 231 19.84 -5.27 -24.44
C GLN A 231 18.63 -4.37 -24.36
N GLU A 232 18.08 -4.00 -25.51
CA GLU A 232 16.88 -3.17 -25.58
C GLU A 232 15.65 -4.05 -25.77
N VAL A 233 14.61 -3.79 -24.98
CA VAL A 233 13.32 -4.46 -25.10
C VAL A 233 12.28 -3.39 -25.43
N GLN A 234 11.45 -3.65 -26.44
CA GLN A 234 10.34 -2.76 -26.76
C GLN A 234 9.13 -3.09 -25.88
N VAL A 235 8.70 -2.15 -25.05
CA VAL A 235 7.52 -2.34 -24.20
C VAL A 235 6.79 -1.02 -24.08
N GLN A 236 5.46 -1.11 -23.88
CA GLN A 236 4.69 0.09 -23.64
C GLN A 236 4.44 0.35 -22.16
N GLY A 237 4.49 -0.68 -21.32
CA GLY A 237 4.32 -0.50 -19.89
C GLY A 237 5.38 -1.18 -19.06
N LEU A 238 5.97 -0.44 -18.13
CA LEU A 238 6.99 -0.94 -17.21
C LEU A 238 6.41 -0.94 -15.79
N PHE A 239 6.43 -2.11 -15.15
CA PHE A 239 5.89 -2.28 -13.80
C PHE A 239 7.05 -2.59 -12.86
N ILE A 240 7.28 -1.72 -11.87
CA ILE A 240 8.38 -1.89 -10.91
C ILE A 240 7.82 -2.62 -9.70
N ALA A 241 8.31 -3.84 -9.45
CA ALA A 241 7.77 -4.70 -8.40
C ALA A 241 8.91 -5.25 -7.55
N ILE A 242 9.81 -4.35 -7.18
CA ILE A 242 10.93 -4.71 -6.31
C ILE A 242 10.44 -5.12 -4.93
N GLY A 243 9.46 -4.41 -4.37
CA GLY A 243 8.85 -4.86 -3.12
C GLY A 243 8.04 -3.78 -2.43
N HIS A 244 7.26 -4.24 -1.45
CA HIS A 244 6.45 -3.42 -0.55
C HIS A 244 6.98 -3.56 0.87
N LYS A 245 7.04 -2.45 1.62
CA LYS A 245 7.40 -2.50 3.03
C LYS A 245 6.33 -1.82 3.88
N PRO A 246 5.60 -2.58 4.69
CA PRO A 246 4.62 -1.97 5.63
C PRO A 246 5.29 -0.96 6.54
N ASN A 247 4.59 0.14 6.81
CA ASN A 247 5.18 1.26 7.56
C ASN A 247 4.99 1.00 9.05
N THR A 248 5.83 0.09 9.60
CA THR A 248 5.64 -0.43 10.95
C THR A 248 6.88 -0.35 11.85
N SER A 249 7.94 0.34 11.45
CA SER A 249 9.18 0.28 12.23
C SER A 249 8.98 0.75 13.66
N ILE A 250 8.14 1.78 13.89
CA ILE A 250 7.99 2.27 15.26
C ILE A 250 7.21 1.31 16.15
N PHE A 251 6.56 0.28 15.59
CA PHE A 251 5.83 -0.69 16.40
C PHE A 251 6.63 -1.95 16.71
N GLU A 252 7.82 -2.11 16.12
CA GLU A 252 8.59 -3.33 16.36
C GLU A 252 8.91 -3.47 17.85
N GLY A 253 8.75 -4.68 18.37
CA GLY A 253 8.89 -4.93 19.79
C GLY A 253 7.68 -4.58 20.63
N GLN A 254 6.63 -4.00 20.05
CA GLN A 254 5.43 -3.61 20.80
C GLN A 254 4.13 -4.23 20.30
N LEU A 255 4.10 -4.75 19.09
CA LEU A 255 2.95 -5.43 18.49
C LEU A 255 3.43 -6.70 17.82
N ASN A 256 2.58 -7.71 17.74
CA ASN A 256 2.93 -8.89 16.95
C ASN A 256 2.94 -8.52 15.47
N LEU A 257 4.09 -8.70 14.82
CA LEU A 257 4.23 -8.54 13.37
C LEU A 257 4.57 -9.88 12.73
N ARG A 258 4.16 -10.05 11.48
CA ARG A 258 4.57 -11.17 10.64
C ARG A 258 5.11 -10.58 9.35
N ASP A 259 6.42 -10.72 9.14
CA ASP A 259 7.11 -10.12 8.00
C ASP A 259 6.84 -8.63 7.91
N GLY A 260 6.78 -7.97 9.08
CA GLY A 260 6.57 -6.53 9.13
C GLY A 260 5.13 -6.07 9.05
N TYR A 261 4.19 -6.95 8.70
CA TYR A 261 2.77 -6.59 8.70
C TYR A 261 2.20 -6.75 10.11
N ILE A 262 1.27 -5.86 10.48
CA ILE A 262 0.64 -5.98 11.80
C ILE A 262 -0.37 -7.12 11.76
N GLN A 263 -0.23 -8.06 12.70
CA GLN A 263 -1.11 -9.21 12.80
C GLN A 263 -2.44 -8.78 13.39
N VAL A 264 -3.55 -9.09 12.69
CA VAL A 264 -4.90 -8.76 13.13
C VAL A 264 -5.69 -10.06 13.29
N GLN A 265 -6.74 -9.99 14.11
CA GLN A 265 -7.55 -11.17 14.44
C GLN A 265 -8.29 -11.72 13.22
N SER A 266 -8.84 -10.86 12.37
CA SER A 266 -9.59 -11.25 11.17
C SER A 266 -10.85 -12.02 11.58
N GLY A 267 -11.31 -12.94 10.72
CA GLY A 267 -12.46 -13.78 11.01
C GLY A 267 -13.80 -13.11 10.73
N THR A 268 -14.85 -13.87 11.00
CA THR A 268 -16.21 -13.50 10.63
C THR A 268 -17.10 -13.23 11.84
N SER A 269 -16.54 -13.08 13.04
CA SER A 269 -17.35 -12.81 14.23
C SER A 269 -16.99 -11.47 14.90
N GLY A 270 -16.48 -10.52 14.13
CA GLY A 270 -16.25 -9.18 14.61
C GLY A 270 -14.89 -9.03 15.25
N ASN A 271 -14.54 -7.78 15.59
CA ASN A 271 -13.22 -7.45 16.13
C ASN A 271 -12.12 -7.86 15.16
N ALA A 272 -12.43 -7.78 13.86
CA ALA A 272 -11.53 -8.31 12.85
C ALA A 272 -10.24 -7.50 12.72
N THR A 273 -10.23 -6.25 13.18
CA THR A 273 -9.02 -5.42 13.05
C THR A 273 -8.19 -5.37 14.33
N ALA A 274 -8.54 -6.17 15.34
CA ALA A 274 -7.83 -6.16 16.63
C ALA A 274 -6.40 -6.68 16.49
N THR A 275 -5.46 -6.00 17.12
CA THR A 275 -4.06 -6.41 17.15
C THR A 275 -3.77 -7.23 18.42
N SER A 276 -2.48 -7.48 18.69
CA SER A 276 -2.13 -8.20 19.91
C SER A 276 -2.22 -7.35 21.19
N VAL A 277 -2.52 -6.06 21.11
CA VAL A 277 -2.69 -5.20 22.27
C VAL A 277 -4.15 -4.74 22.33
N ALA A 278 -4.78 -4.91 23.50
CA ALA A 278 -6.17 -4.52 23.63
C ALA A 278 -6.29 -3.01 23.49
N GLY A 279 -7.23 -2.57 22.64
CA GLY A 279 -7.39 -1.16 22.38
C GLY A 279 -6.66 -0.64 21.15
N VAL A 280 -5.85 -1.47 20.51
CA VAL A 280 -5.10 -1.08 19.31
C VAL A 280 -5.61 -1.89 18.13
N PHE A 281 -6.02 -1.19 17.07
CA PHE A 281 -6.57 -1.78 15.86
C PHE A 281 -5.73 -1.36 14.67
N ALA A 282 -5.74 -2.18 13.62
CA ALA A 282 -4.94 -1.94 12.42
C ALA A 282 -5.80 -2.12 11.17
N ALA A 283 -5.66 -1.20 10.22
CA ALA A 283 -6.49 -1.25 9.00
C ALA A 283 -5.66 -0.92 7.77
N GLY A 284 -6.04 -1.49 6.64
CA GLY A 284 -5.39 -1.16 5.37
C GLY A 284 -4.14 -1.98 5.12
N ASP A 285 -3.29 -1.45 4.23
CA ASP A 285 -2.08 -2.12 3.74
C ASP A 285 -1.04 -2.36 4.84
N VAL A 286 -1.17 -1.72 5.99
CA VAL A 286 -0.24 -2.02 7.08
C VAL A 286 -0.48 -3.43 7.61
N ALA A 287 -1.65 -4.01 7.33
CA ALA A 287 -1.99 -5.33 7.82
C ALA A 287 -2.40 -6.29 6.72
N ASP A 288 -2.48 -5.83 5.47
CA ASP A 288 -3.00 -6.62 4.34
C ASP A 288 -1.88 -6.80 3.32
N SER A 289 -1.37 -8.02 3.21
CA SER A 289 -0.30 -8.31 2.24
C SER A 289 -0.82 -8.84 0.92
N ILE A 290 -2.13 -9.06 0.78
CA ILE A 290 -2.70 -9.85 -0.31
C ILE A 290 -3.40 -8.98 -1.34
N TYR A 291 -4.35 -8.15 -0.89
CA TYR A 291 -5.21 -7.44 -1.84
C TYR A 291 -4.67 -6.04 -2.17
N ARG A 292 -4.40 -5.25 -1.13
CA ARG A 292 -3.64 -3.99 -1.24
C ARG A 292 -4.25 -2.99 -2.23
N GLN A 293 -5.57 -2.78 -2.14
CA GLN A 293 -6.25 -1.79 -2.96
C GLN A 293 -6.93 -0.75 -2.07
N ALA A 294 -7.26 0.39 -2.70
CA ALA A 294 -7.85 1.49 -1.95
C ALA A 294 -9.22 1.10 -1.39
N ILE A 295 -9.99 0.35 -2.18
CA ILE A 295 -11.35 -0.03 -1.76
C ILE A 295 -11.30 -1.02 -0.62
N THR A 296 -10.34 -1.96 -0.64
CA THR A 296 -10.23 -2.92 0.45
C THR A 296 -9.68 -2.25 1.71
N SER A 297 -8.75 -1.33 1.54
CA SER A 297 -8.30 -0.50 2.67
C SER A 297 -9.45 0.32 3.25
N ALA A 298 -10.26 0.97 2.40
CA ALA A 298 -11.36 1.77 2.92
C ALA A 298 -12.31 0.89 3.74
N GLY A 299 -12.60 -0.31 3.23
CA GLY A 299 -13.43 -1.25 3.97
C GLY A 299 -12.87 -1.59 5.34
N SER A 300 -11.56 -1.91 5.42
CA SER A 300 -11.01 -2.23 6.74
C SER A 300 -10.99 -1.02 7.68
N GLY A 301 -10.83 0.20 7.14
CA GLY A 301 -10.88 1.37 8.01
C GLY A 301 -12.27 1.55 8.63
N CYS A 302 -13.31 1.27 7.86
CA CYS A 302 -14.66 1.22 8.39
C CYS A 302 -14.79 0.16 9.49
N MET A 303 -14.23 -1.04 9.25
CA MET A 303 -14.21 -2.09 10.28
C MET A 303 -13.49 -1.65 11.54
N ALA A 304 -12.33 -0.99 11.39
CA ALA A 304 -11.59 -0.57 12.58
C ALA A 304 -12.37 0.45 13.40
N ALA A 305 -13.11 1.34 12.71
CA ALA A 305 -13.94 2.32 13.43
C ALA A 305 -14.98 1.62 14.29
N LEU A 306 -15.67 0.61 13.74
CA LEU A 306 -16.68 -0.07 14.55
C LEU A 306 -16.04 -0.87 15.67
N ASP A 307 -14.92 -1.55 15.40
CA ASP A 307 -14.19 -2.25 16.45
C ASP A 307 -13.82 -1.29 17.59
N ALA A 308 -13.30 -0.12 17.24
CA ALA A 308 -12.86 0.83 18.25
C ALA A 308 -14.05 1.38 19.03
N GLU A 309 -15.17 1.60 18.32
CA GLU A 309 -16.38 2.11 18.95
C GLU A 309 -16.86 1.16 20.04
N LYS A 310 -16.91 -0.15 19.75
CA LYS A 310 -17.39 -1.10 20.74
C LYS A 310 -16.42 -1.23 21.92
N TYR A 311 -15.12 -1.17 21.64
CA TYR A 311 -14.11 -1.21 22.70
C TYR A 311 -14.23 0.00 23.65
N LEU A 312 -14.26 1.21 23.08
CA LEU A 312 -14.37 2.42 23.90
C LEU A 312 -15.66 2.45 24.71
N ASP A 313 -16.76 2.02 24.10
CA ASP A 313 -18.02 2.05 24.84
C ASP A 313 -17.97 1.14 26.07
N ASN A 314 -17.42 -0.06 25.92
CA ASN A 314 -17.31 -0.98 27.06
C ASN A 314 -16.35 -0.46 28.13
N LEU A 315 -15.24 0.15 27.70
CA LEU A 315 -14.31 0.79 28.64
C LEU A 315 -15.00 1.92 29.40
N LEU A 316 -15.80 2.71 28.70
CA LEU A 316 -16.56 3.81 29.29
C LEU A 316 -17.51 3.32 30.38
N GLU A 317 -18.11 2.15 30.17
CA GLU A 317 -19.14 1.64 31.07
C GLU A 317 -18.64 1.44 32.49
N HIS A 318 -17.33 1.28 32.68
CA HIS A 318 -16.81 0.88 33.98
C HIS A 318 -15.97 1.95 34.66
N HIS A 319 -15.97 3.19 34.14
CA HIS A 319 -15.12 4.26 34.63
C HIS A 319 -15.95 5.40 35.20
N HIS A 320 -15.43 6.02 36.26
CA HIS A 320 -16.14 7.02 37.06
C HIS A 320 -17.51 6.53 37.51
#